data_8CWX
#
_entry.id   8CWX
#
_entity_poly.entity_id   1
_entity_poly.type   'polypeptide(L)'
_entity_poly.pdbx_seq_one_letter_code
;FAADAWAAQDMA(DAL)GNPL(DBU)(DBU)(DBB)FCC(DAL)VQCG
;
_entity_poly.pdbx_strand_id   A
#
# COMPACT_ATOMS: atom_id res chain seq x y z
N PHE A 1 13.56 1.54 -8.90
CA PHE A 1 14.37 0.29 -8.88
C PHE A 1 13.80 -0.67 -7.87
N ALA A 2 13.54 -1.90 -8.30
CA ALA A 2 12.99 -2.92 -7.42
C ALA A 2 11.46 -2.81 -7.36
N ALA A 3 10.96 -1.58 -7.44
CA ALA A 3 9.52 -1.35 -7.39
C ALA A 3 8.82 -2.47 -6.64
N ASP A 4 7.59 -2.77 -7.04
CA ASP A 4 6.82 -3.83 -6.39
C ASP A 4 6.63 -3.51 -4.91
N ALA A 5 6.57 -2.23 -4.58
CA ALA A 5 6.38 -1.81 -3.20
C ALA A 5 7.03 -2.81 -2.24
N TRP A 6 6.20 -3.62 -1.60
CA TRP A 6 6.69 -4.62 -0.65
C TRP A 6 5.64 -5.70 -0.41
N ALA A 7 6.11 -6.93 -0.18
CA ALA A 7 5.19 -8.04 0.04
C ALA A 7 4.72 -8.04 1.47
N ALA A 8 3.40 -7.98 1.61
CA ALA A 8 2.76 -7.93 2.91
C ALA A 8 2.55 -6.49 3.33
N GLN A 9 3.44 -5.60 2.86
CA GLN A 9 3.32 -4.20 3.20
C GLN A 9 2.05 -3.61 2.61
N ASP A 10 1.88 -3.78 1.31
CA ASP A 10 0.68 -3.28 0.65
C ASP A 10 -0.49 -4.24 0.84
N MET A 11 -0.27 -5.26 1.66
CA MET A 11 -1.31 -6.24 1.90
C MET A 11 -2.24 -5.74 2.97
N ALA A 12 -1.68 -5.14 4.01
CA ALA A 12 -2.51 -4.58 5.05
C ALA A 12 -3.07 -3.24 4.61
N DAL A 13 -2.73 -2.87 3.39
CA DAL A 13 -3.20 -1.61 2.82
CB DAL A 13 -3.09 -0.46 3.84
C DAL A 13 -4.60 -1.82 2.35
O DAL A 13 -5.54 -1.14 2.78
H DAL A 13 -2.15 -3.46 2.86
HA DAL A 13 -2.58 -1.39 1.96
HB1 DAL A 13 -3.17 -0.83 4.84
HB2 DAL A 13 -3.88 0.26 3.66
N GLY A 14 -4.74 -2.83 1.51
CA GLY A 14 -6.06 -3.21 1.01
C GLY A 14 -6.98 -3.67 2.15
N ASN A 15 -6.61 -3.35 3.40
CA ASN A 15 -7.42 -3.75 4.54
C ASN A 15 -8.52 -2.74 4.80
N PRO A 16 -9.38 -3.04 5.74
CA PRO A 16 -10.50 -2.15 6.12
C PRO A 16 -10.04 -0.70 6.29
N LEU A 17 -10.27 0.08 5.25
CA LEU A 17 -9.89 1.51 5.26
C LEU A 17 -8.42 1.69 4.86
N DBU A 18 -7.61 0.73 5.27
CA DBU A 18 -6.24 0.79 4.96
CB DBU A 18 -5.13 0.60 5.79
CG DBU A 18 -5.21 0.28 7.26
C DBU A 18 -6.09 1.12 3.49
O DBU A 18 -5.10 1.71 3.06
H DBU A 18 -7.96 -0.02 5.79
HB DBU A 18 -4.14 0.70 5.37
HG1 DBU A 18 -6.18 0.55 7.65
HG2 DBU A 18 -5.04 -0.78 7.40
HG3 DBU A 18 -4.44 0.83 7.79
N DBU A 19 -7.08 0.72 2.70
CA DBU A 19 -7.04 0.96 1.31
CB DBU A 19 -7.61 0.20 0.27
CG DBU A 19 -8.39 -1.07 0.46
C DBU A 19 -6.27 2.23 1.01
O DBU A 19 -5.04 2.24 0.93
H DBU A 19 -7.85 0.24 3.09
HB DBU A 19 -7.48 0.53 -0.75
HG1 DBU A 19 -8.16 -1.48 1.43
HG2 DBU A 19 -8.11 -1.78 -0.30
HG3 DBU A 19 -9.45 -0.88 0.40
N DBB A 20 -7.02 3.31 0.85
CA DBB A 20 -6.41 4.59 0.58
C DBB A 20 -5.17 4.79 1.43
O DBB A 20 -4.18 5.38 0.97
CB DBB A 20 -6.04 4.70 -0.91
CG DBB A 20 -7.32 4.69 -1.74
H DBB A 20 -7.99 3.23 0.94
HA DBB A 20 -7.13 5.37 0.81
HB2 DBB A 20 -5.50 5.62 -1.09
HG1 DBB A 20 -8.12 4.25 -1.16
HG2 DBB A 20 -7.17 4.10 -2.63
HG3 DBB A 20 -7.58 5.70 -2.00
N PHE A 21 -5.23 4.34 2.67
CA PHE A 21 -4.10 4.49 3.57
C PHE A 21 -2.80 4.05 2.91
N CYS A 22 -2.82 2.83 2.37
CA CYS A 22 -1.62 2.26 1.74
C CYS A 22 -1.47 2.69 0.27
N CYS A 23 -2.44 3.41 -0.27
CA CYS A 23 -2.34 3.86 -1.65
C CYS A 23 -1.39 5.05 -1.76
N DAL A 24 -1.64 6.07 -0.95
CA DAL A 24 -0.81 7.27 -0.94
CB DAL A 24 -0.58 7.75 -2.39
C DAL A 24 0.50 6.97 -0.20
O DAL A 24 1.55 7.53 -0.47
H DAL A 24 -2.41 6.01 -0.34
HA DAL A 24 -1.33 8.04 -0.39
HB1 DAL A 24 -1.10 8.70 -2.53
HB2 DAL A 24 -0.99 7.03 -3.07
N VAL A 25 0.41 6.07 0.78
CA VAL A 25 1.57 5.69 1.57
C VAL A 25 2.61 5.00 0.70
N GLN A 26 2.16 4.11 -0.18
CA GLN A 26 3.07 3.37 -1.05
C GLN A 26 3.26 4.09 -2.38
N CYS A 27 2.45 5.13 -2.62
CA CYS A 27 2.55 5.89 -3.86
C CYS A 27 3.77 6.81 -3.81
N GLY A 28 4.43 6.95 -4.96
CA GLY A 28 5.61 7.81 -5.04
C GLY A 28 5.24 9.22 -5.49
N PHE A 1 2.16 5.87 -9.89
CA PHE A 1 2.52 4.73 -9.00
C PHE A 1 3.94 4.92 -8.48
N ALA A 2 4.91 4.92 -9.39
CA ALA A 2 6.30 5.10 -9.01
C ALA A 2 6.92 3.77 -8.61
N ALA A 3 6.43 2.68 -9.21
CA ALA A 3 6.94 1.35 -8.92
C ALA A 3 7.54 1.30 -7.52
N ASP A 4 8.57 0.49 -7.35
CA ASP A 4 9.24 0.34 -6.06
C ASP A 4 8.33 -0.35 -5.05
N ALA A 5 7.12 0.19 -4.88
CA ALA A 5 6.16 -0.38 -3.95
C ALA A 5 6.86 -1.02 -2.76
N TRP A 6 6.17 -1.93 -2.09
CA TRP A 6 6.72 -2.63 -0.93
C TRP A 6 5.94 -3.89 -0.65
N ALA A 7 6.65 -5.00 -0.43
CA ALA A 7 5.98 -6.26 -0.19
C ALA A 7 5.55 -6.36 1.25
N ALA A 8 4.24 -6.54 1.42
CA ALA A 8 3.63 -6.62 2.73
C ALA A 8 3.18 -5.23 3.13
N GLN A 9 3.85 -4.20 2.58
CA GLN A 9 3.50 -2.82 2.88
C GLN A 9 2.12 -2.51 2.34
N ASP A 10 1.93 -2.75 1.06
CA ASP A 10 0.63 -2.48 0.46
C ASP A 10 -0.32 -3.65 0.72
N MET A 11 0.12 -4.59 1.56
CA MET A 11 -0.70 -5.74 1.89
C MET A 11 -1.64 -5.38 3.03
N ALA A 12 -1.12 -4.68 4.02
CA ALA A 12 -1.96 -4.25 5.12
C ALA A 12 -2.75 -3.05 4.63
N DAL A 13 -2.48 -2.67 3.38
CA DAL A 13 -3.16 -1.56 2.76
CB DAL A 13 -3.25 -0.36 3.70
C DAL A 13 -4.52 -2.02 2.32
O DAL A 13 -5.54 -1.48 2.73
H DAL A 13 -1.82 -3.18 2.87
HA DAL A 13 -2.60 -1.27 1.89
HB1 DAL A 13 -3.35 -0.69 4.72
HB2 DAL A 13 -4.10 0.25 3.44
N GLY A 14 -4.51 -3.04 1.51
CA GLY A 14 -5.75 -3.63 1.04
C GLY A 14 -6.61 -4.12 2.21
N ASN A 15 -6.33 -3.62 3.44
CA ASN A 15 -7.09 -4.03 4.61
C ASN A 15 -8.34 -3.19 4.76
N PRO A 16 -9.15 -3.43 5.77
CA PRO A 16 -10.40 -2.65 5.98
C PRO A 16 -10.13 -1.16 6.02
N LEU A 17 -10.31 -0.54 4.87
CA LEU A 17 -10.10 0.91 4.72
C LEU A 17 -8.61 1.19 4.50
N DBU A 18 -7.78 0.25 4.92
CA DBU A 18 -6.41 0.45 4.72
CB DBU A 18 -5.36 0.34 5.64
CG DBU A 18 -5.47 -0.06 7.09
C DBU A 18 -6.26 0.86 3.27
O DBU A 18 -5.42 1.70 2.93
H DBU A 18 -8.13 -0.57 5.31
HB DBU A 18 -4.34 0.54 5.33
HG1 DBU A 18 -4.94 -0.99 7.24
HG2 DBU A 18 -5.03 0.71 7.70
HG3 DBU A 18 -6.50 -0.19 7.36
N DBU A 19 -7.08 0.27 2.41
CA DBU A 19 -7.07 0.54 1.03
CB DBU A 19 -7.52 -0.23 -0.05
CG DBU A 19 -8.15 -1.60 0.03
C DBU A 19 -6.48 1.89 0.77
O DBU A 19 -5.26 2.10 0.71
H DBU A 19 -7.74 -0.39 2.73
HB DBU A 19 -7.43 0.18 -1.05
HG1 DBU A 19 -8.00 -2.02 1.01
HG2 DBU A 19 -7.70 -2.25 -0.71
HG3 DBU A 19 -9.21 -1.52 -0.17
N DBB A 20 -7.37 2.86 0.63
CA DBB A 20 -6.97 4.23 0.40
C DBB A 20 -5.76 4.59 1.23
O DBB A 20 -4.82 5.22 0.75
CB DBB A 20 -6.64 4.45 -1.09
CG DBB A 20 -7.94 4.38 -1.90
H DBB A 20 -8.33 2.64 0.69
HA DBB A 20 -7.78 4.89 0.66
HB2 DBB A 20 -6.19 5.42 -1.22
HG1 DBB A 20 -8.76 4.71 -1.28
HG2 DBB A 20 -8.11 3.36 -2.22
HG3 DBB A 20 -7.86 5.03 -2.75
N PHE A 21 -5.78 4.21 2.50
CA PHE A 21 -4.67 4.49 3.39
C PHE A 21 -3.34 4.14 2.75
N CYS A 22 -3.27 2.93 2.21
CA CYS A 22 -2.03 2.46 1.59
C CYS A 22 -1.89 2.89 0.14
N CYS A 23 -2.91 3.55 -0.39
CA CYS A 23 -2.83 4.03 -1.76
C CYS A 23 -1.97 5.29 -1.80
N DAL A 24 -2.26 6.23 -0.91
CA DAL A 24 -1.51 7.47 -0.83
CB DAL A 24 -1.34 8.05 -2.26
C DAL A 24 -0.17 7.23 -0.12
O DAL A 24 0.83 7.89 -0.36
H DAL A 24 -3.00 6.08 -0.29
HA DAL A 24 -2.08 8.18 -0.25
HB1 DAL A 24 -1.95 8.94 -2.35
HB2 DAL A 24 -1.69 7.32 -2.97
N VAL A 25 -0.19 6.28 0.81
CA VAL A 25 1.01 5.93 1.56
C VAL A 25 2.10 5.39 0.65
N GLN A 26 1.69 4.55 -0.29
CA GLN A 26 2.63 3.93 -1.22
C GLN A 26 2.76 4.76 -2.49
N CYS A 27 1.87 5.73 -2.67
CA CYS A 27 1.91 6.57 -3.85
C CYS A 27 3.05 7.58 -3.74
N GLY A 28 3.77 7.77 -4.85
CA GLY A 28 4.88 8.72 -4.86
C GLY A 28 6.22 7.99 -4.78
N PHE A 1 -1.31 2.20 -12.63
CA PHE A 1 -0.22 3.02 -13.24
C PHE A 1 0.85 3.30 -12.18
N ALA A 2 2.06 2.80 -12.41
CA ALA A 2 3.16 3.00 -11.47
C ALA A 2 3.12 1.94 -10.38
N ALA A 3 2.08 1.97 -9.56
CA ALA A 3 1.94 1.00 -8.47
C ALA A 3 3.31 0.48 -8.03
N ASP A 4 3.61 -0.76 -8.42
CA ASP A 4 4.88 -1.39 -8.06
C ASP A 4 4.96 -1.65 -6.57
N ALA A 5 4.83 -0.59 -5.78
CA ALA A 5 4.87 -0.71 -4.33
C ALA A 5 5.78 -1.86 -3.90
N TRP A 6 5.20 -2.84 -3.22
CA TRP A 6 5.97 -4.00 -2.76
C TRP A 6 5.02 -5.15 -2.42
N ALA A 7 5.56 -6.37 -2.39
CA ALA A 7 4.74 -7.53 -2.10
C ALA A 7 4.54 -7.68 -0.62
N ALA A 8 3.26 -7.71 -0.24
CA ALA A 8 2.88 -7.80 1.15
C ALA A 8 2.67 -6.40 1.70
N GLN A 9 3.39 -5.44 1.12
CA GLN A 9 3.28 -4.06 1.56
C GLN A 9 1.89 -3.53 1.23
N ASP A 10 1.51 -3.61 -0.03
CA ASP A 10 0.21 -3.13 -0.44
C ASP A 10 -0.85 -4.20 -0.15
N MET A 11 -0.45 -5.25 0.56
CA MET A 11 -1.36 -6.33 0.90
C MET A 11 -2.14 -5.96 2.15
N ALA A 12 -1.45 -5.45 3.16
CA ALA A 12 -2.14 -5.03 4.36
C ALA A 12 -2.77 -3.69 4.06
N DAL A 13 -2.55 -3.24 2.83
CA DAL A 13 -3.08 -1.98 2.37
CB DAL A 13 -2.87 -0.87 3.41
C DAL A 13 -4.55 -2.16 2.05
O DAL A 13 -5.41 -1.50 2.60
H DAL A 13 -2.02 -3.79 2.21
HA DAL A 13 -2.56 -1.70 1.46
HB1 DAL A 13 -2.82 -1.30 4.39
HB2 DAL A 13 -3.67 -0.16 3.36
N GLY A 14 -4.82 -3.10 1.17
CA GLY A 14 -6.18 -3.40 0.80
C GLY A 14 -7.00 -3.87 2.03
N ASN A 15 -6.57 -3.50 3.24
CA ASN A 15 -7.27 -3.89 4.45
C ASN A 15 -8.41 -2.92 4.76
N PRO A 16 -9.18 -3.18 5.78
CA PRO A 16 -10.31 -2.30 6.16
C PRO A 16 -9.86 -0.84 6.27
N LEU A 17 -10.11 -0.10 5.20
CA LEU A 17 -9.73 1.31 5.13
C LEU A 17 -8.26 1.44 4.74
N DBU A 18 -7.52 0.37 4.98
CA DBU A 18 -6.16 0.39 4.63
CB DBU A 18 -5.05 0.17 5.47
CG DBU A 18 -5.13 -0.13 6.94
C DBU A 18 -6.08 0.69 3.16
O DBU A 18 -5.07 1.19 2.67
H DBU A 18 -7.91 -0.42 5.39
HB DBU A 18 -4.06 0.21 5.05
HG1 DBU A 18 -4.57 0.59 7.50
HG2 DBU A 18 -6.17 -0.11 7.25
HG3 DBU A 18 -4.74 -1.11 7.12
N DBU A 19 -7.15 0.40 2.41
CA DBU A 19 -7.21 0.63 1.02
CB DBU A 19 -7.86 -0.10 0.01
CG DBU A 19 -8.67 -1.35 0.19
C DBU A 19 -6.44 1.87 0.67
O DBU A 19 -5.21 1.89 0.62
H DBU A 19 -7.94 0.00 2.84
HB DBU A 19 -7.77 0.26 -1.01
HG1 DBU A 19 -8.36 -2.08 -0.55
HG2 DBU A 19 -9.72 -1.13 0.05
HG3 DBU A 19 -8.52 -1.76 1.18
N DBB A 20 -7.19 2.94 0.44
CA DBB A 20 -6.58 4.22 0.11
C DBB A 20 -5.38 4.46 1.00
O DBB A 20 -4.38 5.06 0.59
CB DBB A 20 -6.17 4.28 -1.36
CG DBB A 20 -7.42 4.28 -2.23
H DBB A 20 -8.16 2.87 0.50
HA DBB A 20 -7.31 5.00 0.30
HB2 DBB A 20 -5.63 5.20 -1.55
HG1 DBB A 20 -7.76 3.25 -2.36
HG2 DBB A 20 -7.19 4.70 -3.19
HG3 DBB A 20 -8.19 4.86 -1.75
N PHE A 21 -5.48 3.98 2.24
CA PHE A 21 -4.41 4.13 3.21
C PHE A 21 -3.07 3.71 2.61
N CYS A 22 -3.05 2.54 1.97
CA CYS A 22 -1.81 2.04 1.38
C CYS A 22 -1.58 2.56 -0.03
N CYS A 23 -2.61 3.13 -0.64
CA CYS A 23 -2.46 3.65 -1.98
C CYS A 23 -1.74 4.99 -1.94
N DAL A 24 -2.29 5.93 -1.18
CA DAL A 24 -1.69 7.25 -1.07
CB DAL A 24 -1.59 7.87 -2.49
C DAL A 24 -0.34 7.18 -0.34
O DAL A 24 0.64 7.81 -0.74
H DAL A 24 -3.10 5.72 -0.67
HA DAL A 24 -2.35 7.88 -0.48
HB1 DAL A 24 -2.19 8.76 -2.53
HB2 DAL A 24 -1.98 7.16 -3.21
N VAL A 25 -0.28 6.42 0.75
CA VAL A 25 0.97 6.30 1.48
C VAL A 25 2.02 5.63 0.60
N GLN A 26 1.57 4.71 -0.25
CA GLN A 26 2.49 4.00 -1.14
C GLN A 26 2.58 4.67 -2.51
N CYS A 27 1.67 5.62 -2.77
CA CYS A 27 1.67 6.32 -4.05
C CYS A 27 2.80 7.33 -4.10
N GLY A 28 3.11 7.94 -2.95
CA GLY A 28 4.17 8.93 -2.88
C GLY A 28 5.44 8.42 -3.55
N PHE A 1 13.88 8.43 -2.32
CA PHE A 1 14.49 7.12 -2.71
C PHE A 1 14.19 6.09 -1.63
N ALA A 2 14.19 4.82 -2.03
CA ALA A 2 13.91 3.73 -1.10
C ALA A 2 12.41 3.51 -0.96
N ALA A 3 11.99 3.11 0.24
CA ALA A 3 10.57 2.86 0.50
C ALA A 3 9.85 2.49 -0.80
N ASP A 4 8.97 3.38 -1.26
CA ASP A 4 8.22 3.13 -2.49
C ASP A 4 7.39 1.86 -2.36
N ALA A 5 6.93 1.58 -1.14
CA ALA A 5 6.11 0.39 -0.90
C ALA A 5 6.99 -0.82 -0.57
N TRP A 6 6.36 -1.91 -0.18
CA TRP A 6 7.08 -3.12 0.16
C TRP A 6 6.15 -4.33 0.14
N ALA A 7 6.72 -5.53 0.19
CA ALA A 7 5.90 -6.73 0.17
C ALA A 7 5.37 -7.00 1.55
N ALA A 8 4.05 -7.11 1.62
CA ALA A 8 3.37 -7.32 2.88
C ALA A 8 2.97 -5.97 3.45
N GLN A 9 3.77 -4.95 3.12
CA GLN A 9 3.48 -3.60 3.58
C GLN A 9 2.19 -3.12 2.96
N ASP A 10 2.13 -3.17 1.64
CA ASP A 10 0.93 -2.75 0.92
C ASP A 10 -0.10 -3.87 0.92
N MET A 11 0.18 -4.95 1.66
CA MET A 11 -0.75 -6.06 1.72
C MET A 11 -1.78 -5.77 2.79
N ALA A 12 -1.33 -5.33 3.95
CA ALA A 12 -2.26 -4.96 4.99
C ALA A 12 -2.80 -3.59 4.64
N DAL A 13 -2.31 -3.09 3.49
CA DAL A 13 -2.73 -1.80 2.99
CB DAL A 13 -2.76 -0.77 4.12
C DAL A 13 -4.09 -1.95 2.36
O DAL A 13 -5.06 -1.33 2.78
H DAL A 13 -1.68 -3.63 2.97
HA DAL A 13 -2.03 -1.48 2.24
HB1 DAL A 13 -2.68 -1.26 5.08
HB2 DAL A 13 -3.69 -0.21 4.08
N GLY A 14 -4.16 -2.81 1.37
CA GLY A 14 -5.44 -3.07 0.72
C GLY A 14 -6.47 -3.65 1.70
N ASN A 15 -6.26 -3.45 3.01
CA ASN A 15 -7.21 -3.97 4.00
C ASN A 15 -8.36 -2.99 4.22
N PRO A 16 -9.35 -3.40 4.99
CA PRO A 16 -10.53 -2.55 5.29
C PRO A 16 -10.13 -1.12 5.61
N LEU A 17 -10.21 -0.28 4.58
CA LEU A 17 -9.86 1.13 4.70
C LEU A 17 -8.36 1.31 4.57
N DBU A 18 -7.61 0.31 5.01
CA DBU A 18 -6.23 0.49 4.87
CB DBU A 18 -5.20 0.48 5.83
CG DBU A 18 -5.40 0.29 7.31
C DBU A 18 -6.00 0.68 3.40
O DBU A 18 -4.92 1.09 2.97
H DBU A 18 -8.03 -0.49 5.40
HB DBU A 18 -4.19 0.64 5.50
HG1 DBU A 18 -6.41 0.56 7.58
HG2 DBU A 18 -5.23 -0.75 7.55
HG3 DBU A 18 -4.70 0.90 7.85
N DBU A 19 -7.02 0.40 2.59
CA DBU A 19 -6.98 0.52 1.18
CB DBU A 19 -7.46 -0.34 0.19
CG DBU A 19 -8.17 -1.65 0.44
C DBU A 19 -6.29 1.81 0.82
O DBU A 19 -5.08 1.96 0.96
H DBU A 19 -7.86 0.06 2.97
HB DBU A 19 -7.33 -0.05 -0.84
HG1 DBU A 19 -9.24 -1.51 0.31
HG2 DBU A 19 -7.96 -1.99 1.44
HG3 DBU A 19 -7.82 -2.39 -0.27
N DBB A 20 -7.09 2.77 0.36
CA DBB A 20 -6.53 4.07 -0.01
C DBB A 20 -5.48 4.47 1.01
O DBB A 20 -4.48 5.11 0.68
CB DBB A 20 -5.94 4.03 -1.42
CG DBB A 20 -7.06 3.72 -2.41
H DBB A 20 -8.05 2.61 0.28
HA DBB A 20 -7.33 4.80 0.01
HB2 DBB A 20 -5.51 5.00 -1.66
HG1 DBB A 20 -7.91 3.34 -1.88
HG2 DBB A 20 -6.72 2.97 -3.11
HG3 DBB A 20 -7.32 4.61 -2.95
N PHE A 21 -5.73 4.06 2.26
CA PHE A 21 -4.83 4.36 3.37
C PHE A 21 -3.38 4.01 3.01
N CYS A 22 -3.18 2.80 2.48
CA CYS A 22 -1.84 2.36 2.13
C CYS A 22 -1.44 2.84 0.75
N CYS A 23 -2.41 3.28 -0.03
CA CYS A 23 -2.11 3.79 -1.36
C CYS A 23 -1.54 5.19 -1.18
N DAL A 24 -2.41 6.16 -0.98
CA DAL A 24 -1.99 7.52 -0.77
CB DAL A 24 -1.76 8.18 -2.11
C DAL A 24 -0.70 7.52 0.05
O DAL A 24 0.27 8.21 -0.30
H DAL A 24 -3.36 5.95 -0.96
HA DAL A 24 -2.75 8.06 -0.23
HB1 DAL A 24 -1.10 9.02 -2.01
HB2 DAL A 24 -2.71 8.50 -2.53
N VAL A 25 -0.68 6.73 1.12
CA VAL A 25 0.51 6.64 1.97
C VAL A 25 1.67 6.06 1.18
N GLN A 26 1.41 5.00 0.42
CA GLN A 26 2.45 4.36 -0.38
C GLN A 26 2.46 4.93 -1.80
N CYS A 27 1.79 6.05 -1.97
CA CYS A 27 1.71 6.69 -3.29
C CYS A 27 3.03 7.36 -3.63
N GLY A 28 3.49 7.18 -4.87
CA GLY A 28 4.74 7.78 -5.31
C GLY A 28 5.45 6.87 -6.30
N PHE A 1 9.07 5.09 -10.35
CA PHE A 1 9.67 3.76 -10.07
C PHE A 1 8.62 2.83 -9.48
N ALA A 2 8.53 2.81 -8.16
CA ALA A 2 7.55 1.97 -7.48
C ALA A 2 8.10 0.55 -7.31
N ALA A 3 9.07 0.19 -8.14
CA ALA A 3 9.66 -1.14 -8.07
C ALA A 3 8.68 -2.15 -7.47
N ASP A 4 7.43 -2.10 -7.92
CA ASP A 4 6.41 -3.02 -7.43
C ASP A 4 6.20 -2.85 -5.93
N ALA A 5 6.02 -1.60 -5.51
CA ALA A 5 5.81 -1.30 -4.08
C ALA A 5 6.54 -2.31 -3.21
N TRP A 6 5.79 -3.19 -2.56
CA TRP A 6 6.39 -4.19 -1.69
C TRP A 6 5.39 -5.33 -1.44
N ALA A 7 5.91 -6.55 -1.34
CA ALA A 7 5.05 -7.70 -1.13
C ALA A 7 4.69 -7.82 0.33
N ALA A 8 3.39 -7.83 0.58
CA ALA A 8 2.86 -7.89 1.92
C ALA A 8 2.64 -6.48 2.43
N GLN A 9 3.44 -5.54 1.91
CA GLN A 9 3.33 -4.15 2.32
C GLN A 9 1.98 -3.60 1.88
N ASP A 10 1.70 -3.70 0.59
CA ASP A 10 0.43 -3.21 0.07
C ASP A 10 -0.67 -4.24 0.30
N MET A 11 -0.34 -5.27 1.08
CA MET A 11 -1.31 -6.32 1.38
C MET A 11 -2.14 -5.90 2.56
N ALA A 12 -1.51 -5.40 3.61
CA ALA A 12 -2.27 -4.92 4.74
C ALA A 12 -2.80 -3.55 4.37
N DAL A 13 -2.47 -3.15 3.16
CA DAL A 13 -2.91 -1.87 2.63
CB DAL A 13 -2.74 -0.76 3.67
C DAL A 13 -4.36 -2.00 2.21
O DAL A 13 -5.23 -1.32 2.72
H DAL A 13 -1.94 -3.75 2.59
HA DAL A 13 -2.32 -1.63 1.77
HB1 DAL A 13 -2.61 -1.19 4.65
HB2 DAL A 13 -3.60 -0.11 3.66
N GLY A 14 -4.60 -2.94 1.32
CA GLY A 14 -5.96 -3.21 0.88
C GLY A 14 -6.81 -3.76 2.03
N ASN A 15 -6.44 -3.42 3.28
CA ASN A 15 -7.19 -3.92 4.44
C ASN A 15 -8.39 -3.03 4.74
N PRO A 16 -9.05 -3.27 5.85
CA PRO A 16 -10.23 -2.45 6.23
C PRO A 16 -9.88 -0.98 6.28
N LEU A 17 -10.20 -0.33 5.19
CA LEU A 17 -9.94 1.10 5.02
C LEU A 17 -8.49 1.33 4.65
N DBU A 18 -7.66 0.34 4.97
CA DBU A 18 -6.31 0.47 4.64
CB DBU A 18 -5.22 0.34 5.51
CG DBU A 18 -5.31 0.02 6.98
C DBU A 18 -6.24 0.78 3.17
O DBU A 18 -5.31 1.43 2.71
H DBU A 18 -8.01 -0.46 5.41
HB DBU A 18 -4.22 0.46 5.13
HG1 DBU A 18 -4.74 -0.87 7.19
HG2 DBU A 18 -4.91 0.84 7.56
HG3 DBU A 18 -6.35 -0.13 7.25
N DBU A 19 -7.22 0.32 2.40
CA DBU A 19 -7.29 0.54 1.01
CB DBU A 19 -7.88 -0.23 0.00
CG DBU A 19 -8.66 -1.52 0.17
C DBU A 19 -6.56 1.81 0.66
O DBU A 19 -5.33 1.88 0.60
H DBU A 19 -7.95 -0.20 2.81
HB DBU A 19 -7.81 0.13 -1.02
HG1 DBU A 19 -8.42 -2.18 -0.64
HG2 DBU A 19 -9.71 -1.30 0.17
HG3 DBU A 19 -8.37 -1.97 1.11
N DBB A 20 -7.35 2.86 0.45
CA DBB A 20 -6.79 4.16 0.13
C DBB A 20 -5.61 4.44 1.05
O DBB A 20 -4.64 5.09 0.65
CB DBB A 20 -6.36 4.24 -1.34
CG DBB A 20 -7.60 4.16 -2.22
H DBB A 20 -8.31 2.74 0.51
HA DBB A 20 -7.55 4.91 0.30
HB2 DBB A 20 -5.86 5.18 -1.52
HG1 DBB A 20 -7.43 4.72 -3.13
HG2 DBB A 20 -8.44 4.59 -1.70
HG3 DBB A 20 -7.82 3.14 -2.46
N PHE A 21 -5.71 3.94 2.28
CA PHE A 21 -4.66 4.13 3.26
C PHE A 21 -3.29 3.80 2.68
N CYS A 22 -3.18 2.62 2.08
CA CYS A 22 -1.91 2.17 1.52
C CYS A 22 -1.71 2.66 0.09
N CYS A 23 -2.74 3.22 -0.51
CA CYS A 23 -2.60 3.72 -1.88
C CYS A 23 -1.85 5.05 -1.87
N DAL A 24 -2.34 5.98 -1.05
CA DAL A 24 -1.71 7.29 -0.95
CB DAL A 24 -1.51 7.88 -2.36
C DAL A 24 -0.39 7.16 -0.16
O DAL A 24 0.58 7.87 -0.39
H DAL A 24 -3.12 5.78 -0.50
HA DAL A 24 -2.37 7.94 -0.39
HB1 DAL A 24 -2.14 8.74 -2.47
HB2 DAL A 24 -1.81 7.13 -3.09
N VAL A 25 -0.39 6.22 0.79
CA VAL A 25 0.79 5.99 1.61
C VAL A 25 1.95 5.49 0.76
N GLN A 26 1.64 4.58 -0.16
CA GLN A 26 2.67 4.02 -1.03
C GLN A 26 2.80 4.79 -2.34
N CYS A 27 1.87 5.71 -2.58
CA CYS A 27 1.90 6.51 -3.79
C CYS A 27 2.98 7.59 -3.69
N GLY A 28 3.65 7.85 -4.80
CA GLY A 28 4.71 8.85 -4.83
C GLY A 28 6.07 8.22 -4.59
N PHE A 1 5.55 -0.06 -13.30
CA PHE A 1 4.84 0.63 -12.19
C PHE A 1 5.85 1.41 -11.35
N ALA A 2 6.92 0.74 -10.96
CA ALA A 2 7.96 1.37 -10.15
C ALA A 2 7.60 1.32 -8.67
N ALA A 3 8.59 1.02 -7.83
CA ALA A 3 8.36 0.94 -6.39
C ALA A 3 6.92 0.59 -6.09
N ASP A 4 6.14 1.59 -5.69
CA ASP A 4 4.72 1.37 -5.37
C ASP A 4 4.58 0.39 -4.22
N ALA A 5 5.50 0.46 -3.25
CA ALA A 5 5.45 -0.44 -2.09
C ALA A 5 6.19 -1.73 -2.38
N TRP A 6 5.66 -2.84 -1.88
CA TRP A 6 6.28 -4.14 -2.09
C TRP A 6 5.27 -5.26 -1.83
N ALA A 7 5.77 -6.49 -1.75
CA ALA A 7 4.91 -7.63 -1.53
C ALA A 7 4.60 -7.76 -0.05
N ALA A 8 3.30 -7.74 0.25
CA ALA A 8 2.83 -7.81 1.62
C ALA A 8 2.65 -6.39 2.12
N GLN A 9 3.43 -5.46 1.57
CA GLN A 9 3.35 -4.07 1.96
C GLN A 9 2.00 -3.50 1.58
N ASP A 10 1.67 -3.61 0.30
CA ASP A 10 0.40 -3.11 -0.18
C ASP A 10 -0.69 -4.15 0.08
N MET A 11 -0.33 -5.20 0.83
CA MET A 11 -1.29 -6.25 1.13
C MET A 11 -2.11 -5.86 2.35
N ALA A 12 -1.45 -5.36 3.38
CA ALA A 12 -2.18 -4.92 4.54
C ALA A 12 -2.78 -3.56 4.21
N DAL A 13 -2.48 -3.14 2.98
CA DAL A 13 -3.00 -1.87 2.48
CB DAL A 13 -2.87 -0.76 3.53
C DAL A 13 -4.43 -2.07 2.08
O DAL A 13 -5.34 -1.44 2.62
H DAL A 13 -1.94 -3.70 2.40
HA DAL A 13 -2.43 -1.60 1.61
HB1 DAL A 13 -2.82 -1.18 4.51
HB2 DAL A 13 -3.70 -0.08 3.44
N GLY A 14 -4.63 -2.98 1.16
CA GLY A 14 -5.99 -3.29 0.72
C GLY A 14 -6.85 -3.80 1.90
N ASN A 15 -6.47 -3.47 3.15
CA ASN A 15 -7.22 -3.91 4.31
C ASN A 15 -8.38 -2.97 4.60
N PRO A 16 -9.18 -3.25 5.60
CA PRO A 16 -10.33 -2.39 5.96
C PRO A 16 -9.90 -0.95 6.14
N LEU A 17 -10.11 -0.18 5.08
CA LEU A 17 -9.73 1.24 5.07
C LEU A 17 -8.25 1.38 4.76
N DBU A 18 -7.52 0.30 4.95
CA DBU A 18 -6.16 0.34 4.66
CB DBU A 18 -5.06 0.11 5.51
CG DBU A 18 -5.20 -0.22 6.98
C DBU A 18 -6.07 0.68 3.18
O DBU A 18 -5.08 1.21 2.71
H DBU A 18 -7.94 -0.53 5.27
HB DBU A 18 -4.05 0.18 5.14
HG1 DBU A 18 -4.69 0.53 7.56
HG2 DBU A 18 -6.25 -0.24 7.24
HG3 DBU A 18 -4.76 -1.19 7.17
N DBU A 19 -7.13 0.35 2.45
CA DBU A 19 -7.20 0.61 1.06
CB DBU A 19 -7.80 -0.13 0.03
CG DBU A 19 -8.55 -1.43 0.18
C DBU A 19 -6.48 1.89 0.74
O DBU A 19 -5.26 1.96 0.67
H DBU A 19 -7.90 -0.08 2.86
HB DBU A 19 -7.73 0.25 -0.98
HG1 DBU A 19 -8.27 -1.91 1.11
HG2 DBU A 19 -8.31 -2.08 -0.65
HG3 DBU A 19 -9.61 -1.23 0.18
N DBB A 20 -7.27 2.95 0.56
CA DBB A 20 -6.71 4.26 0.26
C DBB A 20 -5.49 4.50 1.14
O DBB A 20 -4.53 5.15 0.72
CB DBB A 20 -6.33 4.36 -1.21
CG DBB A 20 -7.61 4.28 -2.05
H DBB A 20 -8.24 2.84 0.64
HA DBB A 20 -7.45 5.01 0.49
HB2 DBB A 20 -5.85 5.31 -1.41
HG1 DBB A 20 -8.26 3.53 -1.64
HG2 DBB A 20 -7.35 4.03 -3.07
HG3 DBB A 20 -8.09 5.24 -2.05
N PHE A 21 -5.56 3.98 2.36
CA PHE A 21 -4.46 4.13 3.32
C PHE A 21 -3.12 3.78 2.69
N CYS A 22 -3.06 2.60 2.08
CA CYS A 22 -1.82 2.15 1.46
C CYS A 22 -1.65 2.66 0.03
N CYS A 23 -2.69 3.28 -0.51
CA CYS A 23 -2.58 3.81 -1.86
C CYS A 23 -1.80 5.11 -1.81
N DAL A 24 -2.40 6.13 -1.22
CA DAL A 24 -1.76 7.44 -1.09
CB DAL A 24 -1.53 8.01 -2.51
C DAL A 24 -0.46 7.33 -0.28
O DAL A 24 0.53 8.01 -0.54
H DAL A 24 -3.29 6.01 -0.84
HA DAL A 24 -2.43 8.10 -0.57
HB1 DAL A 24 -2.02 8.96 -2.60
HB2 DAL A 24 -1.94 7.33 -3.24
N VAL A 25 -0.47 6.48 0.75
CA VAL A 25 0.70 6.31 1.59
C VAL A 25 1.86 5.72 0.79
N GLN A 26 1.57 4.71 0.00
CA GLN A 26 2.60 4.05 -0.80
C GLN A 26 2.67 4.65 -2.21
N CYS A 27 1.78 5.57 -2.52
CA CYS A 27 1.76 6.20 -3.84
C CYS A 27 2.91 7.21 -3.95
N GLY A 28 3.53 7.26 -5.12
CA GLY A 28 4.63 8.19 -5.34
C GLY A 28 5.61 8.16 -4.18
N PHE A 1 7.86 0.54 -9.91
CA PHE A 1 7.70 -0.44 -8.79
C PHE A 1 8.63 -0.04 -7.65
N ALA A 2 9.94 -0.12 -7.90
CA ALA A 2 10.93 0.23 -6.89
C ALA A 2 11.21 -0.96 -5.98
N ALA A 3 12.45 -1.43 -6.00
CA ALA A 3 12.84 -2.56 -5.16
C ALA A 3 11.64 -3.44 -4.85
N ASP A 4 10.86 -3.76 -5.87
CA ASP A 4 9.68 -4.60 -5.69
C ASP A 4 8.69 -3.95 -4.73
N ALA A 5 8.32 -2.71 -5.01
CA ALA A 5 7.38 -1.99 -4.17
C ALA A 5 7.53 -2.41 -2.71
N TRP A 6 6.54 -3.16 -2.20
CA TRP A 6 6.59 -3.61 -0.82
C TRP A 6 5.62 -4.77 -0.61
N ALA A 7 6.18 -5.96 -0.44
CA ALA A 7 5.36 -7.15 -0.25
C ALA A 7 4.92 -7.27 1.19
N ALA A 8 3.61 -7.37 1.36
CA ALA A 8 3.01 -7.44 2.67
C ALA A 8 2.66 -6.04 3.12
N GLN A 9 3.41 -5.06 2.62
CA GLN A 9 3.16 -3.67 2.97
C GLN A 9 1.82 -3.23 2.40
N ASP A 10 1.66 -3.42 1.10
CA ASP A 10 0.41 -3.06 0.46
C ASP A 10 -0.63 -4.16 0.67
N MET A 11 -0.28 -5.14 1.51
CA MET A 11 -1.20 -6.24 1.79
C MET A 11 -2.13 -5.82 2.91
N ALA A 12 -1.57 -5.26 3.97
CA ALA A 12 -2.40 -4.78 5.06
C ALA A 12 -2.98 -3.45 4.61
N DAL A 13 -2.62 -3.08 3.39
CA DAL A 13 -3.09 -1.84 2.79
CB DAL A 13 -3.02 -0.68 3.78
C DAL A 13 -4.50 -2.07 2.31
O DAL A 13 -5.43 -1.42 2.74
H DAL A 13 -2.03 -3.66 2.87
HA DAL A 13 -2.47 -1.62 1.94
HB1 DAL A 13 -3.05 -1.05 4.80
HB2 DAL A 13 -3.85 -0.01 3.62
N GLY A 14 -4.65 -3.05 1.44
CA GLY A 14 -5.97 -3.38 0.94
C GLY A 14 -6.89 -3.85 2.09
N ASN A 15 -6.59 -3.45 3.33
CA ASN A 15 -7.40 -3.84 4.48
C ASN A 15 -8.58 -2.89 4.66
N PRO A 16 -9.43 -3.13 5.63
CA PRO A 16 -10.60 -2.27 5.89
C PRO A 16 -10.20 -0.81 6.01
N LEU A 17 -10.34 -0.09 4.91
CA LEU A 17 -9.98 1.32 4.84
C LEU A 17 -8.49 1.45 4.61
N DBU A 18 -7.77 0.39 4.91
CA DBU A 18 -6.38 0.44 4.69
CB DBU A 18 -5.33 0.25 5.60
CG DBU A 18 -5.53 -0.04 7.07
C DBU A 18 -6.22 0.73 3.22
O DBU A 18 -5.23 1.31 2.79
H DBU A 18 -8.20 -0.43 5.24
HB DBU A 18 -4.31 0.33 5.28
HG1 DBU A 18 -5.04 0.72 7.66
HG2 DBU A 18 -6.59 -0.05 7.29
HG3 DBU A 18 -5.10 -1.01 7.30
N DBU A 19 -7.21 0.31 2.43
CA DBU A 19 -7.20 0.51 1.03
CB DBU A 19 -7.75 -0.27 0.01
CG DBU A 19 -8.51 -1.57 0.19
C DBU A 19 -6.47 1.79 0.71
O DBU A 19 -5.25 1.86 0.69
H DBU A 19 -7.98 -0.15 2.81
HB DBU A 19 -7.63 0.06 -1.01
HG1 DBU A 19 -9.57 -1.37 0.13
HG2 DBU A 19 -8.27 -1.99 1.15
HG3 DBU A 19 -8.23 -2.26 -0.59
N DBB A 20 -7.26 2.83 0.46
CA DBB A 20 -6.70 4.13 0.14
C DBB A 20 -5.53 4.42 1.08
O DBB A 20 -4.55 5.07 0.70
CB DBB A 20 -6.23 4.18 -1.31
CG DBB A 20 -7.46 4.08 -2.23
H DBB A 20 -8.24 2.72 0.49
HA DBB A 20 -7.46 4.89 0.29
HB2 DBB A 20 -5.72 5.12 -1.51
HG1 DBB A 20 -8.08 4.94 -2.08
HG2 DBB A 20 -7.99 3.18 -2.00
HG3 DBB A 20 -7.13 4.06 -3.27
N PHE A 21 -5.64 3.93 2.31
CA PHE A 21 -4.61 4.13 3.30
C PHE A 21 -3.24 3.79 2.75
N CYS A 22 -3.13 2.59 2.18
CA CYS A 22 -1.86 2.12 1.64
C CYS A 22 -1.63 2.56 0.20
N CYS A 23 -2.64 3.14 -0.43
CA CYS A 23 -2.46 3.60 -1.80
C CYS A 23 -1.68 4.91 -1.81
N DAL A 24 -2.09 5.85 -0.97
CA DAL A 24 -1.40 7.13 -0.86
CB DAL A 24 -1.14 7.66 -2.30
C DAL A 24 -0.12 6.97 -0.04
O DAL A 24 0.88 7.65 -0.23
H DAL A 24 -2.85 5.66 -0.38
HA DAL A 24 -2.05 7.82 -0.35
HB1 DAL A 24 -1.74 8.53 -2.46
HB2 DAL A 24 -1.42 6.90 -3.00
N VAL A 25 -0.16 6.05 0.93
CA VAL A 25 0.98 5.79 1.78
C VAL A 25 2.15 5.24 0.97
N GLN A 26 1.84 4.33 0.05
CA GLN A 26 2.87 3.71 -0.77
C GLN A 26 3.06 4.47 -2.09
N CYS A 27 2.16 5.41 -2.37
CA CYS A 27 2.26 6.20 -3.60
C CYS A 27 3.38 7.23 -3.48
N GLY A 28 4.15 7.39 -4.55
CA GLY A 28 5.25 8.35 -4.56
C GLY A 28 4.98 9.48 -5.54
N PHE A 1 10.86 4.64 -5.88
CA PHE A 1 10.59 4.87 -4.42
C PHE A 1 9.80 3.68 -3.86
N ALA A 2 10.45 2.91 -3.01
CA ALA A 2 9.80 1.74 -2.40
C ALA A 2 9.92 0.54 -3.32
N ALA A 3 11.10 0.36 -3.91
CA ALA A 3 11.33 -0.77 -4.81
C ALA A 3 10.02 -1.23 -5.44
N ASP A 4 9.26 -0.26 -5.96
CA ASP A 4 7.98 -0.58 -6.59
C ASP A 4 7.05 -1.27 -5.60
N ALA A 5 6.86 -0.64 -4.43
CA ALA A 5 5.99 -1.19 -3.41
C ALA A 5 6.76 -2.15 -2.51
N TRP A 6 6.04 -3.05 -1.84
CA TRP A 6 6.66 -4.02 -0.94
C TRP A 6 5.72 -5.20 -0.68
N ALA A 7 6.31 -6.37 -0.46
CA ALA A 7 5.51 -7.57 -0.23
C ALA A 7 5.05 -7.61 1.22
N ALA A 8 3.72 -7.68 1.39
CA ALA A 8 3.13 -7.67 2.72
C ALA A 8 2.79 -6.24 3.14
N GLN A 9 3.59 -5.28 2.65
CA GLN A 9 3.35 -3.88 2.98
C GLN A 9 2.03 -3.41 2.41
N ASP A 10 1.84 -3.63 1.11
CA ASP A 10 0.60 -3.23 0.46
C ASP A 10 -0.49 -4.30 0.69
N MET A 11 -0.16 -5.29 1.52
CA MET A 11 -1.11 -6.37 1.80
C MET A 11 -2.07 -5.92 2.89
N ALA A 12 -1.54 -5.27 3.92
CA ALA A 12 -2.40 -4.75 4.98
C ALA A 12 -3.05 -3.44 4.52
N DAL A 13 -2.74 -3.05 3.29
CA DAL A 13 -3.29 -1.82 2.74
CB DAL A 13 -3.20 -0.66 3.76
C DAL A 13 -4.71 -2.10 2.31
O DAL A 13 -5.68 -1.48 2.76
H DAL A 13 -2.15 -3.60 2.73
HA DAL A 13 -2.73 -1.55 1.86
HB1 DAL A 13 -3.32 -1.05 4.76
HB2 DAL A 13 -3.95 0.08 3.56
N GLY A 14 -4.81 -3.14 1.49
CA GLY A 14 -6.12 -3.60 1.02
C GLY A 14 -7.00 -4.04 2.19
N ASN A 15 -6.68 -3.56 3.41
CA ASN A 15 -7.46 -3.91 4.58
C ASN A 15 -8.64 -2.97 4.74
N PRO A 16 -9.50 -3.25 5.66
CA PRO A 16 -10.69 -2.40 5.96
C PRO A 16 -10.34 -0.93 6.02
N LEU A 17 -10.53 -0.24 4.92
CA LEU A 17 -10.21 1.20 4.83
C LEU A 17 -8.72 1.40 4.52
N DBU A 18 -7.92 0.41 4.88
CA DBU A 18 -6.54 0.48 4.62
CB DBU A 18 -5.48 0.32 5.52
CG DBU A 18 -5.61 0.02 6.98
C DBU A 18 -6.30 0.77 3.16
O DBU A 18 -5.29 1.39 2.80
H DBU A 18 -8.29 -0.41 5.30
HB DBU A 18 -4.46 0.40 5.15
HG1 DBU A 18 -5.12 0.79 7.55
HG2 DBU A 18 -6.67 0.00 7.24
HG3 DBU A 18 -5.17 -0.94 7.20
N DBU A 19 -7.22 0.33 2.31
CA DBU A 19 -7.12 0.54 0.91
CB DBU A 19 -7.62 -0.23 -0.13
CG DBU A 19 -8.39 -1.51 0.04
C DBU A 19 -6.35 1.82 0.65
O DBU A 19 -5.12 1.88 0.73
H DBU A 19 -8.00 -0.15 2.65
HB DBU A 19 -7.43 0.09 -1.14
HG1 DBU A 19 -9.44 -1.34 -0.16
HG2 DBU A 19 -8.27 -1.87 1.05
HG3 DBU A 19 -8.01 -2.26 -0.65
N DBB A 20 -7.10 2.88 0.34
CA DBB A 20 -6.50 4.17 0.08
C DBB A 20 -5.39 4.45 1.09
O DBB A 20 -4.41 5.11 0.79
CB DBB A 20 -5.91 4.23 -1.34
CG DBB A 20 -7.06 4.18 -2.34
H DBB A 20 -8.08 2.78 0.29
HA DBB A 20 -7.26 4.93 0.16
HB2 DBB A 20 -5.35 5.14 -1.48
HG1 DBB A 20 -7.94 3.76 -1.87
HG2 DBB A 20 -6.77 3.56 -3.19
HG3 DBB A 20 -7.28 5.18 -2.68
N PHE A 21 -5.58 3.93 2.31
CA PHE A 21 -4.57 4.13 3.35
C PHE A 21 -3.17 3.78 2.84
N CYS A 22 -3.05 2.58 2.28
CA CYS A 22 -1.75 2.11 1.79
C CYS A 22 -1.43 2.57 0.37
N CYS A 23 -2.41 3.10 -0.35
CA CYS A 23 -2.18 3.57 -1.71
C CYS A 23 -1.46 4.91 -1.70
N DAL A 24 -2.04 5.87 -0.97
CA DAL A 24 -1.45 7.20 -0.87
CB DAL A 24 -1.21 7.79 -2.27
C DAL A 24 -0.15 7.08 -0.05
O DAL A 24 0.84 7.77 -0.26
H DAL A 24 -2.88 5.68 -0.50
HA DAL A 24 -2.13 7.84 -0.32
HB1 DAL A 24 -1.81 8.69 -2.37
HB2 DAL A 24 -1.53 7.07 -3.01
N VAL A 25 -0.19 6.18 0.92
CA VAL A 25 0.96 5.94 1.78
C VAL A 25 2.14 5.39 0.97
N GLN A 26 1.84 4.47 0.07
CA GLN A 26 2.88 3.85 -0.74
C GLN A 26 3.04 4.59 -2.07
N CYS A 27 2.14 5.52 -2.34
CA CYS A 27 2.19 6.30 -3.57
C CYS A 27 3.29 7.35 -3.48
N GLY A 28 3.99 7.56 -4.59
CA GLY A 28 5.07 8.55 -4.62
C GLY A 28 5.08 9.30 -5.95
N PHE A 1 -2.13 -6.22 -5.84
CA PHE A 1 -1.14 -7.31 -5.61
C PHE A 1 0.16 -6.98 -6.32
N ALA A 2 1.27 -7.15 -5.63
CA ALA A 2 2.58 -6.87 -6.21
C ALA A 2 2.92 -5.38 -6.08
N ALA A 3 3.63 -4.86 -7.07
CA ALA A 3 4.02 -3.45 -7.06
C ALA A 3 4.12 -2.93 -5.63
N ASP A 4 3.82 -1.64 -5.46
CA ASP A 4 3.88 -1.02 -4.14
C ASP A 4 5.29 -1.15 -3.56
N ALA A 5 6.25 -1.48 -4.41
CA ALA A 5 7.63 -1.64 -4.00
C ALA A 5 7.73 -2.15 -2.57
N TRP A 6 6.72 -2.90 -2.13
CA TRP A 6 6.72 -3.44 -0.77
C TRP A 6 5.72 -4.59 -0.66
N ALA A 7 6.25 -5.80 -0.58
CA ALA A 7 5.41 -6.97 -0.47
C ALA A 7 4.97 -7.19 0.95
N ALA A 8 3.66 -7.29 1.12
CA ALA A 8 3.07 -7.45 2.44
C ALA A 8 2.71 -6.08 2.97
N GLN A 9 3.46 -5.05 2.56
CA GLN A 9 3.19 -3.70 3.00
C GLN A 9 1.88 -3.22 2.40
N ASP A 10 1.75 -3.39 1.10
CA ASP A 10 0.53 -2.99 0.41
C ASP A 10 -0.52 -4.08 0.55
N MET A 11 -0.20 -5.10 1.36
CA MET A 11 -1.12 -6.20 1.57
C MET A 11 -2.07 -5.82 2.69
N ALA A 12 -1.53 -5.33 3.79
CA ALA A 12 -2.37 -4.88 4.87
C ALA A 12 -2.92 -3.52 4.47
N DAL A 13 -2.54 -3.12 3.27
CA DAL A 13 -2.97 -1.85 2.71
CB DAL A 13 -2.88 -0.73 3.75
C DAL A 13 -4.38 -2.03 2.20
O DAL A 13 -5.29 -1.36 2.66
H DAL A 13 -1.95 -3.70 2.73
HA DAL A 13 -2.33 -1.61 1.88
HB1 DAL A 13 -2.86 -1.14 4.74
HB2 DAL A 13 -3.73 -0.07 3.65
N GLY A 14 -4.55 -2.95 1.30
CA GLY A 14 -5.87 -3.23 0.77
C GLY A 14 -6.82 -3.73 1.88
N ASN A 15 -6.48 -3.47 3.15
CA ASN A 15 -7.33 -3.93 4.25
C ASN A 15 -8.44 -2.93 4.55
N PRO A 16 -9.34 -3.27 5.44
CA PRO A 16 -10.47 -2.39 5.81
C PRO A 16 -10.02 -0.95 6.04
N LEU A 17 -10.18 -0.16 5.00
CA LEU A 17 -9.78 1.25 5.00
C LEU A 17 -8.29 1.37 4.73
N DBU A 18 -7.55 0.36 5.12
CA DBU A 18 -6.18 0.47 4.84
CB DBU A 18 -5.06 0.37 5.69
CG DBU A 18 -5.14 0.13 7.17
C DBU A 18 -6.09 0.72 3.36
O DBU A 18 -5.10 1.23 2.86
H DBU A 18 -7.95 -0.42 5.56
HB DBU A 18 -4.08 0.48 5.27
HG1 DBU A 18 -5.17 -0.93 7.36
HG2 DBU A 18 -4.26 0.55 7.65
HG3 DBU A 18 -6.02 0.59 7.57
N DBU A 19 -7.14 0.32 2.63
CA DBU A 19 -7.19 0.48 1.23
CB DBU A 19 -7.77 -0.33 0.25
CG DBU A 19 -8.52 -1.62 0.50
C DBU A 19 -6.47 1.75 0.84
O DBU A 19 -5.24 1.81 0.77
H DBU A 19 -7.91 -0.11 3.07
HB DBU A 19 -7.69 -0.03 -0.78
HG1 DBU A 19 -9.59 -1.42 0.51
HG2 DBU A 19 -8.22 -2.02 1.45
HG3 DBU A 19 -8.29 -2.33 -0.28
N DBB A 20 -7.26 2.78 0.57
CA DBB A 20 -6.70 4.07 0.19
C DBB A 20 -5.50 4.39 1.08
O DBB A 20 -4.53 5.03 0.65
CB DBB A 20 -6.28 4.06 -1.29
CG DBB A 20 -7.52 3.88 -2.15
H DBB A 20 -8.23 2.68 0.64
HA DBB A 20 -7.45 4.83 0.33
HB2 DBB A 20 -5.81 5.00 -1.54
HG1 DBB A 20 -7.46 4.53 -3.02
HG2 DBB A 20 -8.41 4.14 -1.57
HG3 DBB A 20 -7.59 2.86 -2.47
N PHE A 21 -5.59 3.95 2.33
CA PHE A 21 -4.54 4.17 3.31
C PHE A 21 -3.17 3.81 2.74
N CYS A 22 -3.07 2.62 2.17
CA CYS A 22 -1.81 2.15 1.61
C CYS A 22 -1.61 2.62 0.17
N CYS A 23 -2.66 3.12 -0.46
CA CYS A 23 -2.53 3.58 -1.83
C CYS A 23 -1.85 4.94 -1.87
N DAL A 24 -2.36 5.87 -1.07
CA DAL A 24 -1.80 7.22 -1.03
CB DAL A 24 -1.68 7.74 -2.48
C DAL A 24 -0.46 7.23 -0.27
O DAL A 24 0.50 7.89 -0.66
H DAL A 24 -3.13 5.65 -0.51
HA DAL A 24 -2.49 7.85 -0.50
HB1 DAL A 24 -2.36 8.57 -2.62
HB2 DAL A 24 -1.97 6.95 -3.16
N VAL A 25 -0.40 6.52 0.85
CA VAL A 25 0.83 6.50 1.62
C VAL A 25 1.94 5.84 0.80
N GLN A 26 1.56 4.87 -0.03
CA GLN A 26 2.53 4.17 -0.87
C GLN A 26 2.64 4.83 -2.25
N CYS A 27 1.70 5.72 -2.56
CA CYS A 27 1.72 6.39 -3.86
C CYS A 27 2.80 7.47 -3.88
N GLY A 28 3.55 7.52 -4.97
CA GLY A 28 4.63 8.50 -5.11
C GLY A 28 5.91 8.01 -4.43
N PHE A 1 11.59 6.66 -1.35
CA PHE A 1 12.70 6.35 -2.29
C PHE A 1 12.66 4.87 -2.66
N ALA A 2 12.94 4.57 -3.92
CA ALA A 2 12.93 3.19 -4.39
C ALA A 2 11.52 2.76 -4.76
N ALA A 3 10.52 3.48 -4.24
CA ALA A 3 9.13 3.17 -4.53
C ALA A 3 8.97 1.69 -4.89
N ASP A 4 8.26 1.42 -5.98
CA ASP A 4 8.04 0.03 -6.41
C ASP A 4 7.32 -0.75 -5.32
N ALA A 5 6.41 -0.08 -4.61
CA ALA A 5 5.66 -0.73 -3.55
C ALA A 5 6.49 -1.80 -2.85
N TRP A 6 5.81 -2.73 -2.19
CA TRP A 6 6.47 -3.81 -1.48
C TRP A 6 5.50 -4.95 -1.21
N ALA A 7 6.03 -6.16 -1.06
CA ALA A 7 5.17 -7.32 -0.83
C ALA A 7 4.81 -7.39 0.64
N ALA A 8 3.51 -7.37 0.88
CA ALA A 8 2.98 -7.40 2.22
C ALA A 8 2.77 -5.97 2.69
N GLN A 9 3.57 -5.04 2.14
CA GLN A 9 3.45 -3.64 2.52
C GLN A 9 2.12 -3.11 2.04
N ASP A 10 1.86 -3.25 0.75
CA ASP A 10 0.60 -2.79 0.18
C ASP A 10 -0.47 -3.85 0.42
N MET A 11 -0.13 -4.86 1.22
CA MET A 11 -1.08 -5.93 1.50
C MET A 11 -1.97 -5.52 2.67
N ALA A 12 -1.38 -4.95 3.70
CA ALA A 12 -2.18 -4.49 4.81
C ALA A 12 -2.83 -3.18 4.40
N DAL A 13 -2.52 -2.79 3.16
CA DAL A 13 -3.07 -1.58 2.58
CB DAL A 13 -3.05 -0.42 3.58
C DAL A 13 -4.47 -1.88 2.13
O DAL A 13 -5.43 -1.30 2.62
H DAL A 13 -1.92 -3.35 2.63
HA DAL A 13 -2.48 -1.32 1.72
HB1 DAL A 13 -3.06 -0.79 4.59
HB2 DAL A 13 -3.92 0.21 3.42
N GLY A 14 -4.57 -2.83 1.23
CA GLY A 14 -5.88 -3.25 0.75
C GLY A 14 -6.73 -3.81 1.90
N ASN A 15 -6.34 -3.54 3.15
CA ASN A 15 -7.11 -4.03 4.30
C ASN A 15 -8.24 -3.08 4.64
N PRO A 16 -9.07 -3.43 5.60
CA PRO A 16 -10.21 -2.59 6.02
C PRO A 16 -9.82 -1.12 6.15
N LEU A 17 -10.05 -0.39 5.08
CA LEU A 17 -9.74 1.04 5.02
C LEU A 17 -8.26 1.27 4.75
N DBU A 18 -7.45 0.27 5.08
CA DBU A 18 -6.09 0.48 4.81
CB DBU A 18 -4.97 0.34 5.64
CG DBU A 18 -5.05 -0.09 7.09
C DBU A 18 -6.05 0.91 3.37
O DBU A 18 -5.20 1.69 2.92
H DBU A 18 -7.81 -0.56 5.48
HB DBU A 18 -3.98 0.55 5.27
HG1 DBU A 18 -4.84 -1.15 7.17
HG2 DBU A 18 -4.32 0.45 7.67
HG3 DBU A 18 -6.04 0.12 7.48
N DBU A 19 -7.02 0.38 2.62
CA DBU A 19 -7.16 0.65 1.24
CB DBU A 19 -7.79 -0.10 0.24
CG DBU A 19 -8.48 -1.43 0.41
C DBU A 19 -6.51 1.96 0.92
O DBU A 19 -5.30 2.10 0.75
H DBU A 19 -7.67 -0.23 3.03
HB DBU A 19 -7.79 0.30 -0.77
HG1 DBU A 19 -8.10 -1.93 1.28
HG2 DBU A 19 -8.30 -2.04 -0.46
HG3 DBU A 19 -9.55 -1.27 0.52
N DBB A 20 -7.37 2.97 0.83
CA DBB A 20 -6.93 4.32 0.52
C DBB A 20 -5.64 4.64 1.28
O DBB A 20 -4.72 5.25 0.72
CB DBB A 20 -6.69 4.47 -0.98
CG DBB A 20 -8.04 4.36 -1.70
H DBB A 20 -8.33 2.79 0.98
HA DBB A 20 -7.70 5.01 0.83
HB2 DBB A 20 -6.26 5.44 -1.19
HG1 DBB A 20 -8.84 4.46 -0.99
HG2 DBB A 20 -8.11 3.40 -2.19
HG3 DBB A 20 -8.10 5.15 -2.44
N PHE A 21 -5.57 4.24 2.54
CA PHE A 21 -4.39 4.52 3.35
C PHE A 21 -3.11 4.13 2.61
N CYS A 22 -3.10 2.92 2.08
CA CYS A 22 -1.92 2.41 1.38
C CYS A 22 -1.89 2.82 -0.08
N CYS A 23 -2.94 3.49 -0.55
CA CYS A 23 -2.96 3.94 -1.93
C CYS A 23 -2.08 5.19 -2.07
N DAL A 24 -2.38 6.20 -1.25
CA DAL A 24 -1.61 7.44 -1.28
CB DAL A 24 -1.43 7.88 -2.75
C DAL A 24 -0.29 7.25 -0.54
O DAL A 24 0.73 7.88 -0.84
H DAL A 24 -3.11 6.10 -0.62
HA DAL A 24 -2.19 8.20 -0.76
HB1 DAL A 24 -1.98 8.79 -2.91
HB2 DAL A 24 -1.80 7.11 -3.40
N VAL A 25 -0.31 6.39 0.48
CA VAL A 25 0.89 6.12 1.27
C VAL A 25 1.97 5.47 0.41
N GLN A 26 1.57 4.53 -0.43
CA GLN A 26 2.51 3.82 -1.28
C GLN A 26 2.63 4.49 -2.65
N CYS A 27 1.75 5.46 -2.92
CA CYS A 27 1.79 6.15 -4.21
C CYS A 27 2.96 7.13 -4.24
N GLY A 28 3.23 7.77 -3.11
CA GLY A 28 4.33 8.72 -3.02
C GLY A 28 5.68 8.02 -3.11
N PHE A 1 14.92 -1.47 -1.46
CA PHE A 1 15.76 -1.60 -2.69
C PHE A 1 15.31 -0.58 -3.72
N ALA A 2 14.63 0.48 -3.26
CA ALA A 2 14.15 1.52 -4.15
C ALA A 2 12.80 1.12 -4.75
N ALA A 3 11.86 2.07 -4.73
CA ALA A 3 10.53 1.81 -5.28
C ALA A 3 10.21 0.33 -5.22
N ASP A 4 9.59 -0.19 -6.27
CA ASP A 4 9.24 -1.61 -6.32
C ASP A 4 8.27 -1.96 -5.19
N ALA A 5 7.30 -1.08 -4.96
CA ALA A 5 6.32 -1.31 -3.90
C ALA A 5 6.94 -2.08 -2.74
N TRP A 6 6.12 -2.91 -2.10
CA TRP A 6 6.58 -3.71 -0.97
C TRP A 6 5.63 -4.88 -0.73
N ALA A 7 6.20 -6.07 -0.56
CA ALA A 7 5.39 -7.26 -0.36
C ALA A 7 4.97 -7.35 1.10
N ALA A 8 3.65 -7.43 1.27
CA ALA A 8 3.07 -7.47 2.60
C ALA A 8 2.74 -6.06 3.04
N GLN A 9 3.51 -5.09 2.51
CA GLN A 9 3.28 -3.69 2.86
C GLN A 9 1.94 -3.24 2.33
N ASP A 10 1.72 -3.41 1.03
CA ASP A 10 0.46 -3.02 0.43
C ASP A 10 -0.59 -4.11 0.66
N MET A 11 -0.24 -5.10 1.48
CA MET A 11 -1.16 -6.19 1.77
C MET A 11 -2.08 -5.78 2.90
N ALA A 12 -1.51 -5.20 3.95
CA ALA A 12 -2.34 -4.71 5.04
C ALA A 12 -2.97 -3.41 4.59
N DAL A 13 -2.63 -3.04 3.37
CA DAL A 13 -3.15 -1.82 2.77
CB DAL A 13 -3.09 -0.66 3.76
C DAL A 13 -4.56 -2.08 2.31
O DAL A 13 -5.51 -1.46 2.77
H DAL A 13 -2.03 -3.61 2.84
HA DAL A 13 -2.55 -1.58 1.91
HB1 DAL A 13 -3.14 -1.01 4.78
HB2 DAL A 13 -3.91 0.02 3.57
N GLY A 14 -4.70 -3.05 1.44
CA GLY A 14 -6.01 -3.44 0.96
C GLY A 14 -6.92 -3.90 2.12
N ASN A 15 -6.59 -3.48 3.36
CA ASN A 15 -7.39 -3.88 4.52
C ASN A 15 -8.57 -2.93 4.72
N PRO A 16 -9.43 -3.21 5.67
CA PRO A 16 -10.60 -2.35 5.94
C PRO A 16 -10.21 -0.89 6.06
N LEU A 17 -10.38 -0.17 4.97
CA LEU A 17 -10.05 1.25 4.89
C LEU A 17 -8.56 1.42 4.62
N DBU A 18 -7.79 0.38 4.93
CA DBU A 18 -6.42 0.46 4.68
CB DBU A 18 -5.37 0.30 5.58
CG DBU A 18 -5.54 0.01 7.06
C DBU A 18 -6.26 0.74 3.21
O DBU A 18 -5.27 1.32 2.78
H DBU A 18 -8.20 -0.42 5.30
HB DBU A 18 -4.34 0.39 5.26
HG1 DBU A 18 -5.10 0.81 7.63
HG2 DBU A 18 -6.60 -0.04 7.28
HG3 DBU A 18 -5.08 -0.92 7.31
N DBU A 19 -7.24 0.34 2.40
CA DBU A 19 -7.23 0.54 1.00
CB DBU A 19 -7.76 -0.25 -0.03
CG DBU A 19 -8.52 -1.54 0.14
C DBU A 19 -6.49 1.81 0.68
O DBU A 19 -5.26 1.89 0.68
H DBU A 19 -8.01 -0.13 2.78
HB DBU A 19 -7.63 0.09 -1.04
HG1 DBU A 19 -8.18 -2.25 -0.59
HG2 DBU A 19 -9.58 -1.36 0.01
HG3 DBU A 19 -8.35 -1.94 1.13
N DBB A 20 -7.27 2.84 0.42
CA DBB A 20 -6.71 4.15 0.11
C DBB A 20 -5.55 4.44 1.05
O DBB A 20 -4.58 5.08 0.68
CB DBB A 20 -6.23 4.22 -1.35
CG DBB A 20 -7.45 4.14 -2.27
H DBB A 20 -8.24 2.73 0.43
HA DBB A 20 -7.47 4.91 0.25
HB2 DBB A 20 -5.71 5.16 -1.52
HG1 DBB A 20 -8.30 3.78 -1.72
HG2 DBB A 20 -7.23 3.48 -3.10
HG3 DBB A 20 -7.67 5.13 -2.65
N PHE A 21 -5.69 3.96 2.28
CA PHE A 21 -4.66 4.16 3.29
C PHE A 21 -3.28 3.81 2.75
N CYS A 22 -3.17 2.61 2.19
CA CYS A 22 -1.89 2.14 1.65
C CYS A 22 -1.65 2.59 0.22
N CYS A 23 -2.64 3.18 -0.43
CA CYS A 23 -2.46 3.64 -1.80
C CYS A 23 -1.66 4.94 -1.80
N DAL A 24 -2.06 5.87 -0.96
CA DAL A 24 -1.37 7.16 -0.85
CB DAL A 24 -1.10 7.70 -2.27
C DAL A 24 -0.08 6.98 -0.03
O DAL A 24 0.92 7.66 -0.23
H DAL A 24 -2.84 5.70 -0.38
HA DAL A 24 -2.02 7.85 -0.33
HB1 DAL A 24 -1.72 8.58 -2.43
HB2 DAL A 24 -1.39 6.95 -3.00
N VAL A 25 -0.14 6.06 0.92
CA VAL A 25 1.01 5.78 1.78
C VAL A 25 2.17 5.24 0.95
N GLN A 26 1.86 4.34 0.02
CA GLN A 26 2.87 3.71 -0.81
C GLN A 26 3.08 4.49 -2.11
N CYS A 27 2.19 5.44 -2.38
CA CYS A 27 2.29 6.24 -3.59
C CYS A 27 3.40 7.28 -3.46
N GLY A 28 4.16 7.46 -4.52
CA GLY A 28 5.26 8.43 -4.51
C GLY A 28 5.10 9.46 -5.63
N PHE A 1 11.21 1.35 -8.36
CA PHE A 1 9.82 0.78 -8.36
C PHE A 1 9.54 0.14 -7.01
N ALA A 2 10.44 -0.73 -6.57
CA ALA A 2 10.29 -1.42 -5.29
C ALA A 2 9.42 -2.66 -5.46
N ALA A 3 9.50 -3.27 -6.63
CA ALA A 3 8.72 -4.48 -6.90
C ALA A 3 7.47 -4.52 -6.03
N ASP A 4 6.37 -3.98 -6.56
CA ASP A 4 5.11 -3.97 -5.82
C ASP A 4 5.26 -3.22 -4.50
N ALA A 5 6.41 -2.59 -4.30
CA ALA A 5 6.67 -1.84 -3.07
C ALA A 5 7.25 -2.75 -1.99
N TRP A 6 6.39 -3.55 -1.38
CA TRP A 6 6.83 -4.48 -0.34
C TRP A 6 5.77 -5.57 -0.14
N ALA A 7 6.25 -6.80 0.06
CA ALA A 7 5.34 -7.92 0.24
C ALA A 7 4.86 -7.99 1.66
N ALA A 8 3.53 -7.96 1.79
CA ALA A 8 2.89 -7.96 3.09
C ALA A 8 2.64 -6.52 3.51
N GLN A 9 3.49 -5.61 3.04
CA GLN A 9 3.35 -4.21 3.38
C GLN A 9 2.07 -3.64 2.78
N ASP A 10 1.91 -3.79 1.48
CA ASP A 10 0.70 -3.29 0.83
C ASP A 10 -0.42 -4.30 0.99
N MET A 11 -0.18 -5.32 1.82
CA MET A 11 -1.18 -6.35 2.05
C MET A 11 -2.14 -5.89 3.13
N ALA A 12 -1.61 -5.35 4.21
CA ALA A 12 -2.47 -4.83 5.25
C ALA A 12 -2.99 -3.49 4.78
N DAL A 13 -2.56 -3.12 3.58
CA DAL A 13 -2.96 -1.86 2.98
CB DAL A 13 -2.88 -0.72 3.99
C DAL A 13 -4.36 -2.02 2.44
O DAL A 13 -5.29 -1.32 2.84
H DAL A 13 -1.97 -3.73 3.08
HA DAL A 13 -2.30 -1.64 2.16
HB1 DAL A 13 -2.83 -1.12 5.00
HB2 DAL A 13 -3.74 -0.08 3.90
N GLY A 14 -4.52 -2.98 1.55
CA GLY A 14 -5.82 -3.24 0.98
C GLY A 14 -6.81 -3.76 2.05
N ASN A 15 -6.54 -3.45 3.32
CA ASN A 15 -7.41 -3.91 4.40
C ASN A 15 -8.58 -2.95 4.62
N PRO A 16 -9.48 -3.29 5.51
CA PRO A 16 -10.67 -2.43 5.79
C PRO A 16 -10.27 -0.97 5.97
N LEU A 17 -10.44 -0.21 4.90
CA LEU A 17 -10.10 1.22 4.89
C LEU A 17 -8.62 1.40 4.62
N DBU A 18 -7.83 0.41 5.01
CA DBU A 18 -6.46 0.55 4.76
CB DBU A 18 -5.40 0.49 5.68
CG DBU A 18 -5.59 0.27 7.16
C DBU A 18 -6.29 0.77 3.28
O DBU A 18 -5.28 1.34 2.87
H DBU A 18 -8.21 -0.38 5.45
HB DBU A 18 -4.38 0.61 5.32
HG1 DBU A 18 -4.90 0.88 7.70
HG2 DBU A 18 -6.60 0.50 7.44
HG3 DBU A 18 -5.39 -0.77 7.38
N DBU A 19 -7.25 0.33 2.48
CA DBU A 19 -7.19 0.49 1.07
CB DBU A 19 -7.72 -0.32 0.05
CG DBU A 19 -8.49 -1.61 0.26
C DBU A 19 -6.44 1.75 0.72
O DBU A 19 -5.21 1.82 0.76
H DBU A 19 -8.03 -0.12 2.85
HB DBU A 19 -7.57 -0.02 -0.97
HG1 DBU A 19 -9.55 -1.40 0.14
HG2 DBU A 19 -8.30 -1.98 1.26
HG3 DBU A 19 -8.18 -2.33 -0.47
N DBB A 20 -7.21 2.77 0.37
CA DBB A 20 -6.63 4.06 0.03
C DBB A 20 -5.51 4.39 1.02
O DBB A 20 -4.52 5.02 0.65
CB DBB A 20 -6.08 4.07 -1.39
CG DBB A 20 -7.24 4.00 -2.37
H DBB A 20 -8.18 2.66 0.37
HA DBB A 20 -7.40 4.82 0.11
HB2 DBB A 20 -5.54 4.99 -1.57
HG1 DBB A 20 -7.42 2.97 -2.66
HG2 DBB A 20 -7.02 4.58 -3.25
HG3 DBB A 20 -8.13 4.39 -1.91
N PHE A 21 -5.70 3.96 2.26
CA PHE A 21 -4.71 4.21 3.30
C PHE A 21 -3.31 3.83 2.82
N CYS A 22 -3.18 2.63 2.27
CA CYS A 22 -1.88 2.15 1.82
C CYS A 22 -1.56 2.57 0.38
N CYS A 23 -2.56 3.08 -0.33
CA CYS A 23 -2.33 3.50 -1.71
C CYS A 23 -1.62 4.84 -1.72
N DAL A 24 -2.11 5.78 -0.92
CA DAL A 24 -1.50 7.10 -0.83
CB DAL A 24 -1.30 7.64 -2.27
C DAL A 24 -0.20 7.03 -0.03
O DAL A 24 0.79 7.70 -0.31
H DAL A 24 -2.89 5.58 -0.36
HA DAL A 24 -2.18 7.75 -0.32
HB1 DAL A 24 -1.97 8.47 -2.44
HB2 DAL A 24 -1.55 6.87 -2.98
N VAL A 25 -0.21 6.19 1.01
CA VAL A 25 0.97 6.03 1.84
C VAL A 25 2.12 5.43 1.04
N GLN A 26 1.76 4.55 0.11
CA GLN A 26 2.76 3.90 -0.74
C GLN A 26 2.97 4.65 -2.05
N CYS A 27 2.05 5.56 -2.36
CA CYS A 27 2.14 6.34 -3.58
C CYS A 27 3.21 7.42 -3.45
N GLY A 28 4.02 7.57 -4.51
CA GLY A 28 5.08 8.57 -4.51
C GLY A 28 5.41 9.00 -5.93
N PHE A 1 11.93 1.53 -6.63
CA PHE A 1 11.20 0.34 -7.14
C PHE A 1 10.87 -0.60 -5.98
N ALA A 2 11.81 -1.49 -5.67
CA ALA A 2 11.61 -2.44 -4.57
C ALA A 2 10.86 -3.67 -5.07
N ALA A 3 11.24 -4.16 -6.24
CA ALA A 3 10.60 -5.33 -6.81
C ALA A 3 9.17 -5.46 -6.31
N ASP A 4 8.22 -4.96 -7.10
CA ASP A 4 6.82 -5.02 -6.72
C ASP A 4 6.57 -4.27 -5.41
N ALA A 5 6.60 -2.93 -5.48
CA ALA A 5 6.38 -2.12 -4.29
C ALA A 5 6.90 -2.82 -3.04
N TRP A 6 6.02 -3.57 -2.38
CA TRP A 6 6.39 -4.29 -1.17
C TRP A 6 5.38 -5.39 -0.87
N ALA A 7 5.88 -6.61 -0.71
CA ALA A 7 5.00 -7.74 -0.46
C ALA A 7 4.65 -7.79 1.01
N ALA A 8 3.34 -7.82 1.26
CA ALA A 8 2.82 -7.82 2.61
C ALA A 8 2.54 -6.40 3.05
N GLN A 9 3.33 -5.45 2.51
CA GLN A 9 3.14 -4.05 2.86
C GLN A 9 1.83 -3.55 2.30
N ASP A 10 1.61 -3.76 1.00
CA ASP A 10 0.38 -3.33 0.38
C ASP A 10 -0.71 -4.36 0.65
N MET A 11 -0.40 -5.36 1.47
CA MET A 11 -1.37 -6.39 1.80
C MET A 11 -2.25 -5.91 2.93
N ALA A 12 -1.63 -5.32 3.95
CA ALA A 12 -2.43 -4.79 5.04
C ALA A 12 -2.99 -3.46 4.58
N DAL A 13 -2.66 -3.13 3.34
CA DAL A 13 -3.12 -1.90 2.72
CB DAL A 13 -3.01 -0.71 3.67
C DAL A 13 -4.54 -2.11 2.27
O DAL A 13 -5.45 -1.43 2.74
H DAL A 13 -2.09 -3.74 2.82
HA DAL A 13 -2.51 -1.71 1.84
HB1 DAL A 13 -3.03 -1.05 4.69
HB2 DAL A 13 -3.81 -0.03 3.49
N GLY A 14 -4.73 -3.06 1.41
CA GLY A 14 -6.07 -3.39 0.95
C GLY A 14 -6.98 -3.82 2.12
N ASN A 15 -6.62 -3.43 3.36
CA ASN A 15 -7.40 -3.80 4.52
C ASN A 15 -8.56 -2.82 4.74
N PRO A 16 -9.39 -3.06 5.73
CA PRO A 16 -10.55 -2.17 6.02
C PRO A 16 -10.09 -0.72 6.15
N LEU A 17 -10.25 0.02 5.07
CA LEU A 17 -9.86 1.42 5.01
C LEU A 17 -8.37 1.52 4.72
N DBU A 18 -7.66 0.45 4.98
CA DBU A 18 -6.29 0.45 4.70
CB DBU A 18 -5.21 0.26 5.59
CG DBU A 18 -5.37 -0.03 7.06
C DBU A 18 -6.17 0.74 3.22
O DBU A 18 -5.18 1.31 2.77
H DBU A 18 -8.09 -0.36 5.33
HB DBU A 18 -4.19 0.29 5.23
HG1 DBU A 18 -4.98 -1.00 7.30
HG2 DBU A 18 -4.85 0.73 7.63
HG3 DBU A 18 -6.42 0.01 7.31
N DBU A 19 -7.19 0.34 2.47
CA DBU A 19 -7.22 0.54 1.07
CB DBU A 19 -7.82 -0.24 0.07
CG DBU A 19 -8.59 -1.51 0.27
C DBU A 19 -6.47 1.79 0.71
O DBU A 19 -5.24 1.84 0.67
H DBU A 19 -7.95 -0.12 2.89
HB DBU A 19 -7.72 0.09 -0.96
HG1 DBU A 19 -8.29 -1.96 1.21
HG2 DBU A 19 -8.38 -2.20 -0.54
HG3 DBU A 19 -9.65 -1.29 0.31
N DBB A 20 -7.24 2.85 0.48
CA DBB A 20 -6.66 4.15 0.14
C DBB A 20 -5.46 4.41 1.04
O DBB A 20 -4.48 5.03 0.63
CB DBB A 20 -6.24 4.19 -1.33
CG DBB A 20 -7.49 4.12 -2.21
H DBB A 20 -8.22 2.76 0.55
HA DBB A 20 -7.41 4.92 0.32
HB2 DBB A 20 -5.72 5.12 -1.53
HG1 DBB A 20 -8.31 3.69 -1.64
HG2 DBB A 20 -7.29 3.51 -3.07
HG3 DBB A 20 -7.76 5.11 -2.53
N PHE A 21 -5.55 3.94 2.28
CA PHE A 21 -4.48 4.12 3.24
C PHE A 21 -3.14 3.73 2.65
N CYS A 22 -3.07 2.53 2.08
CA CYS A 22 -1.82 2.04 1.49
C CYS A 22 -1.64 2.48 0.05
N CYS A 23 -2.65 3.07 -0.55
CA CYS A 23 -2.51 3.54 -1.93
C CYS A 23 -1.72 4.83 -1.96
N DAL A 24 -2.09 5.78 -1.09
CA DAL A 24 -1.40 7.05 -1.01
CB DAL A 24 -1.20 7.60 -2.46
C DAL A 24 -0.07 6.87 -0.26
O DAL A 24 0.91 7.55 -0.49
H DAL A 24 -2.84 5.60 -0.49
HA DAL A 24 -2.02 7.75 -0.47
HB1 DAL A 24 -1.83 8.47 -2.59
HB2 DAL A 24 -1.50 6.84 -3.15
N VAL A 25 -0.08 5.94 0.69
CA VAL A 25 1.10 5.66 1.50
C VAL A 25 2.23 5.13 0.63
N GLN A 26 1.89 4.24 -0.31
CA GLN A 26 2.87 3.64 -1.19
C GLN A 26 3.02 4.44 -2.48
N CYS A 27 2.11 5.36 -2.71
CA CYS A 27 2.16 6.18 -3.92
C CYS A 27 3.25 7.24 -3.81
N GLY A 28 3.94 7.48 -4.92
CA GLY A 28 5.02 8.46 -4.94
C GLY A 28 4.69 9.66 -4.06
N PHE A 1 16.61 -0.54 -1.99
CA PHE A 1 17.00 -0.09 -3.35
C PHE A 1 16.07 -0.75 -4.38
N ALA A 2 15.78 -0.02 -5.44
CA ALA A 2 14.90 -0.54 -6.49
C ALA A 2 13.44 -0.30 -6.13
N ALA A 3 13.21 0.19 -4.92
CA ALA A 3 11.84 0.45 -4.46
C ALA A 3 10.85 -0.44 -5.19
N ASP A 4 10.12 0.15 -6.14
CA ASP A 4 9.12 -0.59 -6.90
C ASP A 4 8.06 -1.18 -5.98
N ALA A 5 7.76 -0.47 -4.90
CA ALA A 5 6.76 -0.91 -3.95
C ALA A 5 7.38 -1.81 -2.88
N TRP A 6 6.56 -2.63 -2.26
CA TRP A 6 7.03 -3.54 -1.22
C TRP A 6 6.01 -4.68 -1.00
N ALA A 7 6.52 -5.90 -0.93
CA ALA A 7 5.65 -7.05 -0.77
C ALA A 7 5.27 -7.21 0.68
N ALA A 8 3.96 -7.28 0.90
CA ALA A 8 3.40 -7.40 2.23
C ALA A 8 3.08 -6.01 2.76
N GLN A 9 3.86 -5.03 2.32
CA GLN A 9 3.63 -3.65 2.76
C GLN A 9 2.32 -3.12 2.23
N ASP A 10 2.14 -3.20 0.91
CA ASP A 10 0.91 -2.73 0.31
C ASP A 10 -0.16 -3.81 0.43
N MET A 11 0.15 -4.87 1.20
CA MET A 11 -0.78 -5.96 1.39
C MET A 11 -1.74 -5.60 2.53
N ALA A 12 -1.20 -5.10 3.61
CA ALA A 12 -2.07 -4.69 4.71
C ALA A 12 -2.66 -3.35 4.33
N DAL A 13 -2.29 -2.89 3.15
CA DAL A 13 -2.77 -1.63 2.62
CB DAL A 13 -2.72 -0.52 3.68
C DAL A 13 -4.16 -1.82 2.10
O DAL A 13 -5.11 -1.20 2.56
H DAL A 13 -1.67 -3.44 2.60
HA DAL A 13 -2.13 -1.33 1.80
HB1 DAL A 13 -2.69 -0.96 4.67
HB2 DAL A 13 -3.60 0.11 3.59
N GLY A 14 -4.29 -2.72 1.15
CA GLY A 14 -5.60 -3.03 0.59
C GLY A 14 -6.53 -3.63 1.66
N ASN A 15 -6.24 -3.41 2.95
CA ASN A 15 -7.07 -3.95 4.02
C ASN A 15 -8.24 -3.03 4.33
N PRO A 16 -9.11 -3.44 5.22
CA PRO A 16 -10.29 -2.64 5.60
C PRO A 16 -9.91 -1.19 5.90
N LEU A 17 -10.14 -0.34 4.91
CA LEU A 17 -9.82 1.09 5.03
C LEU A 17 -8.34 1.33 4.73
N DBU A 18 -7.53 0.32 5.01
CA DBU A 18 -6.18 0.50 4.72
CB DBU A 18 -5.07 0.42 5.58
CG DBU A 18 -5.20 0.09 7.04
C DBU A 18 -6.06 0.84 3.25
O DBU A 18 -5.08 1.44 2.83
H DBU A 18 -7.89 -0.51 5.38
HB DBU A 18 -4.07 0.59 5.20
HG1 DBU A 18 -5.12 -0.98 7.19
HG2 DBU A 18 -4.41 0.58 7.60
HG3 DBU A 18 -6.16 0.43 7.42
N DBU A 19 -7.06 0.45 2.46
CA DBU A 19 -7.07 0.69 1.06
CB DBU A 19 -7.59 -0.06 0.01
CG DBU A 19 -8.32 -1.38 0.16
C DBU A 19 -6.37 2.00 0.78
O DBU A 19 -5.14 2.12 0.77
H DBU A 19 -7.83 -0.04 2.83
HB DBU A 19 -7.49 0.31 -0.99
HG1 DBU A 19 -8.14 -1.80 1.14
HG2 DBU A 19 -7.96 -2.07 -0.59
HG3 DBU A 19 -9.39 -1.21 0.03
N DBB A 20 -7.18 3.02 0.53
CA DBB A 20 -6.66 4.35 0.26
C DBB A 20 -5.51 4.64 1.20
O DBB A 20 -4.55 5.33 0.85
CB DBB A 20 -6.18 4.47 -1.19
CG DBB A 20 -7.40 4.45 -2.11
H DBB A 20 -8.15 2.89 0.55
HA DBB A 20 -7.44 5.08 0.43
HB2 DBB A 20 -5.66 5.42 -1.32
HG1 DBB A 20 -7.36 3.57 -2.73
HG2 DBB A 20 -7.38 5.33 -2.74
HG3 DBB A 20 -8.29 4.44 -1.52
N PHE A 21 -5.61 4.12 2.42
CA PHE A 21 -4.58 4.32 3.43
C PHE A 21 -3.19 4.03 2.85
N CYS A 22 -3.05 2.86 2.23
CA CYS A 22 -1.76 2.45 1.66
C CYS A 22 -1.54 2.97 0.24
N CYS A 23 -2.59 3.51 -0.38
CA CYS A 23 -2.43 4.00 -1.74
C CYS A 23 -1.71 5.34 -1.72
N DAL A 24 -2.21 6.27 -0.93
CA DAL A 24 -1.58 7.59 -0.84
CB DAL A 24 -1.30 8.12 -2.26
C DAL A 24 -0.30 7.49 0.01
O DAL A 24 0.72 8.08 -0.30
H DAL A 24 -3.00 6.08 -0.39
HA DAL A 24 -2.26 8.26 -0.34
HB1 DAL A 24 -1.62 9.15 -2.32
HB2 DAL A 24 -1.85 7.54 -2.98
N VAL A 25 -0.38 6.74 1.11
CA VAL A 25 0.78 6.58 1.99
C VAL A 25 1.89 5.85 1.24
N GLN A 26 1.54 5.15 0.17
CA GLN A 26 2.52 4.40 -0.60
C GLN A 26 2.20 4.45 -2.09
N CYS A 27 1.65 5.57 -2.52
CA CYS A 27 1.30 5.75 -3.93
C CYS A 27 2.56 6.00 -4.76
N GLY A 28 3.48 6.79 -4.20
CA GLY A 28 4.72 7.10 -4.90
C GLY A 28 5.49 8.19 -4.17
N PHE A 1 9.54 1.55 -12.75
CA PHE A 1 9.42 0.07 -12.53
C PHE A 1 7.96 -0.28 -12.25
N ALA A 2 7.14 0.74 -12.05
CA ALA A 2 5.72 0.53 -11.77
C ALA A 2 5.50 0.27 -10.29
N ALA A 3 4.76 1.18 -9.64
CA ALA A 3 4.47 1.03 -8.22
C ALA A 3 5.56 0.23 -7.52
N ASP A 4 5.38 -1.09 -7.48
CA ASP A 4 6.35 -1.97 -6.84
C ASP A 4 6.37 -1.76 -5.32
N ALA A 5 6.30 -0.50 -4.90
CA ALA A 5 6.30 -0.19 -3.47
C ALA A 5 7.13 -1.20 -2.68
N TRP A 6 6.44 -2.16 -2.06
CA TRP A 6 7.12 -3.19 -1.28
C TRP A 6 6.19 -4.38 -1.07
N ALA A 7 6.78 -5.56 -0.93
CA ALA A 7 6.00 -6.77 -0.76
C ALA A 7 5.58 -6.92 0.69
N ALA A 8 4.26 -7.02 0.87
CA ALA A 8 3.67 -7.11 2.18
C ALA A 8 3.30 -5.71 2.67
N GLN A 9 4.06 -4.71 2.20
CA GLN A 9 3.81 -3.33 2.59
C GLN A 9 2.47 -2.87 2.06
N ASP A 10 2.27 -2.98 0.76
CA ASP A 10 1.00 -2.56 0.17
C ASP A 10 -0.04 -3.67 0.34
N MET A 11 0.32 -4.69 1.11
CA MET A 11 -0.59 -5.81 1.33
C MET A 11 -1.52 -5.46 2.48
N ALA A 12 -0.99 -4.89 3.55
CA ALA A 12 -1.84 -4.50 4.65
C ALA A 12 -2.52 -3.19 4.25
N DAL A 13 -2.20 -2.75 3.05
CA DAL A 13 -2.78 -1.53 2.50
CB DAL A 13 -2.78 -0.40 3.54
C DAL A 13 -4.17 -1.82 2.02
O DAL A 13 -5.15 -1.25 2.49
H DAL A 13 -1.59 -3.27 2.51
HA DAL A 13 -2.18 -1.23 1.66
HB1 DAL A 13 -2.82 -0.81 4.54
HB2 DAL A 13 -3.63 0.24 3.37
N GLY A 14 -4.27 -2.76 1.11
CA GLY A 14 -5.57 -3.16 0.59
C GLY A 14 -6.45 -3.74 1.72
N ASN A 15 -6.13 -3.45 2.99
CA ASN A 15 -6.92 -3.98 4.11
C ASN A 15 -8.12 -3.10 4.43
N PRO A 16 -8.96 -3.53 5.35
CA PRO A 16 -10.16 -2.75 5.75
C PRO A 16 -9.83 -1.29 6.00
N LEU A 17 -10.09 -0.49 4.97
CA LEU A 17 -9.82 0.96 4.98
C LEU A 17 -8.36 1.23 4.66
N DBU A 18 -7.52 0.25 4.95
CA DBU A 18 -6.17 0.47 4.63
CB DBU A 18 -5.05 0.36 5.47
CG DBU A 18 -5.16 -0.01 6.93
C DBU A 18 -6.08 0.85 3.17
O DBU A 18 -5.14 1.54 2.79
H DBU A 18 -7.84 -0.58 5.35
HB DBU A 18 -4.06 0.56 5.08
HG1 DBU A 18 -4.62 0.70 7.52
HG2 DBU A 18 -6.20 -0.02 7.21
HG3 DBU A 18 -4.74 -1.00 7.08
N DBU A 19 -7.04 0.41 2.35
CA DBU A 19 -7.04 0.71 0.97
CB DBU A 19 -7.56 -0.03 -0.11
CG DBU A 19 -8.25 -1.36 0.02
C DBU A 19 -6.38 2.05 0.71
O DBU A 19 -5.16 2.19 0.70
H DBU A 19 -7.77 -0.14 2.70
HB DBU A 19 -7.46 0.38 -1.10
HG1 DBU A 19 -7.93 -1.84 0.94
HG2 DBU A 19 -7.97 -1.99 -0.82
HG3 DBU A 19 -9.32 -1.22 0.03
N DBB A 20 -7.22 3.06 0.52
CA DBB A 20 -6.72 4.40 0.28
C DBB A 20 -5.57 4.69 1.23
O DBB A 20 -4.64 5.42 0.89
CB DBB A 20 -6.26 4.58 -1.16
CG DBB A 20 -7.48 4.53 -2.08
H DBB A 20 -8.18 2.90 0.55
HA DBB A 20 -7.52 5.10 0.48
HB2 DBB A 20 -5.77 5.54 -1.28
HG1 DBB A 20 -7.88 3.54 -2.11
HG2 DBB A 20 -7.19 4.84 -3.08
HG3 DBB A 20 -8.24 5.22 -1.71
N PHE A 21 -5.65 4.12 2.43
CA PHE A 21 -4.61 4.33 3.43
C PHE A 21 -3.23 4.09 2.84
N CYS A 22 -3.06 2.94 2.19
CA CYS A 22 -1.77 2.58 1.60
C CYS A 22 -1.58 3.11 0.18
N CYS A 23 -2.64 3.66 -0.41
CA CYS A 23 -2.51 4.18 -1.77
C CYS A 23 -1.79 5.52 -1.73
N DAL A 24 -2.30 6.44 -0.93
CA DAL A 24 -1.67 7.74 -0.79
CB DAL A 24 -1.38 8.33 -2.20
C DAL A 24 -0.39 7.61 0.05
O DAL A 24 0.63 8.24 -0.21
H DAL A 24 -3.09 6.22 -0.39
HA DAL A 24 -2.34 8.41 -0.28
HB1 DAL A 24 -1.70 9.35 -2.23
HB2 DAL A 24 -1.94 7.76 -2.94
N VAL A 25 -0.48 6.77 1.08
CA VAL A 25 0.66 6.53 1.96
C VAL A 25 1.80 5.87 1.19
N GLN A 26 1.46 5.22 0.08
CA GLN A 26 2.47 4.53 -0.72
C GLN A 26 2.14 4.65 -2.21
N CYS A 27 1.58 5.78 -2.59
CA CYS A 27 1.22 6.02 -3.99
C CYS A 27 2.47 6.32 -4.81
N GLY A 28 3.41 7.06 -4.23
CA GLY A 28 4.64 7.41 -4.91
C GLY A 28 5.83 7.39 -3.95
#